data_7DNG
#
_entry.id   7DNG
#
_cell.length_a   94.530
_cell.length_b   94.530
_cell.length_c   39.370
_cell.angle_alpha   90.00
_cell.angle_beta   90.00
_cell.angle_gamma   120.00
#
_symmetry.space_group_name_H-M   'P 64'
#
loop_
_entity.id
_entity.type
_entity.pdbx_description
1 polymer 'DARPin 63_B7'
2 polymer 'linear V3-crown (MN) peptide'
3 water water
#
loop_
_entity_poly.entity_id
_entity_poly.type
_entity_poly.pdbx_seq_one_letter_code
_entity_poly.pdbx_strand_id
1 'polypeptide(L)'
;MRGSHHHHHHGSDLGKKLLEAARAGQDDEVRILMANGADVNANDVYGITPLHLAAYMGHLEIVEVLLKYGVDVNASDQFG
NTPLHLAADDGHLEIVEVLLKHGTDVNATDTWGSTPLHLAAHRGHLEIVEVLLKYGADVNAQDKFGKTAFDISIDNGNED
LAEILQKLN
;
A
2 'polypeptide(L)' KRIHIGPGRAFYTT B
#
# COMPACT_ATOMS: atom_id res chain seq x y z
N HIS A 9 11.96 -12.30 12.59
CA HIS A 9 10.80 -11.43 12.70
C HIS A 9 9.56 -12.17 13.16
N HIS A 10 9.74 -13.42 13.56
CA HIS A 10 8.69 -14.24 14.14
C HIS A 10 9.23 -14.85 15.43
N GLY A 11 8.39 -15.66 16.07
CA GLY A 11 8.75 -16.26 17.35
C GLY A 11 8.67 -15.34 18.53
N SER A 12 8.53 -14.03 18.31
CA SER A 12 8.35 -13.07 19.39
C SER A 12 6.87 -12.97 19.72
N ASP A 13 6.55 -13.10 21.01
CA ASP A 13 5.15 -12.96 21.43
C ASP A 13 4.62 -11.57 21.14
N LEU A 14 5.46 -10.54 21.33
CA LEU A 14 5.02 -9.18 21.08
C LEU A 14 4.78 -8.92 19.59
N GLY A 15 5.56 -9.57 18.73
CA GLY A 15 5.37 -9.37 17.30
C GLY A 15 4.04 -9.90 16.81
N LYS A 16 3.64 -11.08 17.29
CA LYS A 16 2.31 -11.58 16.95
C LYS A 16 1.22 -10.66 17.48
N LYS A 17 1.39 -10.14 18.69
CA LYS A 17 0.40 -9.21 19.24
C LYS A 17 0.36 -7.93 18.42
N LEU A 18 1.51 -7.47 17.94
CA LEU A 18 1.55 -6.25 17.15
C LEU A 18 0.82 -6.43 15.82
N LEU A 19 1.05 -7.57 15.17
CA LEU A 19 0.31 -7.88 13.95
C LEU A 19 -1.19 -7.88 14.21
N GLU A 20 -1.62 -8.50 15.32
CA GLU A 20 -3.05 -8.56 15.62
C GLU A 20 -3.60 -7.17 15.92
N ALA A 21 -2.85 -6.36 16.65
CA ALA A 21 -3.31 -5.01 16.99
C ALA A 21 -3.41 -4.14 15.75
N ALA A 22 -2.46 -4.26 14.82
CA ALA A 22 -2.56 -3.53 13.57
C ALA A 22 -3.77 -4.00 12.77
N ARG A 23 -3.95 -5.31 12.66
CA ARG A 23 -5.08 -5.84 11.91
CA ARG A 23 -5.08 -5.84 11.91
C ARG A 23 -6.41 -5.38 12.48
N ALA A 24 -6.49 -5.21 13.80
CA ALA A 24 -7.71 -4.79 14.47
C ALA A 24 -7.82 -3.28 14.65
N GLY A 25 -6.84 -2.51 14.16
CA GLY A 25 -6.91 -1.06 14.29
C GLY A 25 -6.89 -0.57 15.73
N GLN A 26 -6.18 -1.25 16.61
CA GLN A 26 -6.12 -0.88 18.02
C GLN A 26 -4.91 0.04 18.24
N ASP A 27 -5.16 1.34 18.14
CA ASP A 27 -4.09 2.34 18.16
C ASP A 27 -3.28 2.28 19.46
N ASP A 28 -3.96 2.31 20.61
CA ASP A 28 -3.24 2.36 21.88
C ASP A 28 -2.37 1.13 22.06
N GLU A 29 -2.87 -0.04 21.65
CA GLU A 29 -2.12 -1.27 21.82
C GLU A 29 -0.87 -1.27 20.95
N VAL A 30 -0.98 -0.81 19.71
CA VAL A 30 0.20 -0.67 18.87
C VAL A 30 1.23 0.21 19.56
N ARG A 31 0.78 1.37 20.05
CA ARG A 31 1.69 2.31 20.69
C ARG A 31 2.41 1.68 21.86
N ILE A 32 1.67 0.98 22.73
CA ILE A 32 2.28 0.42 23.93
CA ILE A 32 2.29 0.43 23.93
C ILE A 32 3.20 -0.74 23.59
N LEU A 33 2.81 -1.54 22.60
CA LEU A 33 3.69 -2.63 22.16
C LEU A 33 5.02 -2.08 21.66
N MET A 34 4.98 -1.03 20.84
CA MET A 34 6.21 -0.44 20.32
C MET A 34 7.01 0.22 21.43
N ALA A 35 6.33 0.87 22.38
CA ALA A 35 7.03 1.49 23.49
C ALA A 35 7.75 0.47 24.36
N ASN A 36 7.34 -0.79 24.29
CA ASN A 36 7.92 -1.85 25.12
C ASN A 36 8.74 -2.85 24.30
N GLY A 37 9.23 -2.45 23.13
CA GLY A 37 10.24 -3.20 22.43
C GLY A 37 9.77 -4.16 21.36
N ALA A 38 8.50 -4.11 20.98
CA ALA A 38 8.03 -4.99 19.91
C ALA A 38 8.78 -4.70 18.62
N ASP A 39 8.94 -5.73 17.79
CA ASP A 39 9.69 -5.63 16.54
C ASP A 39 8.83 -4.92 15.50
N VAL A 40 9.26 -3.73 15.08
CA VAL A 40 8.46 -2.94 14.15
C VAL A 40 8.28 -3.64 12.81
N ASN A 41 9.19 -4.54 12.47
CA ASN A 41 9.15 -5.29 11.21
C ASN A 41 8.69 -6.74 11.41
N ALA A 42 8.00 -7.03 12.50
CA ALA A 42 7.40 -8.34 12.68
C ALA A 42 6.60 -8.73 11.44
N ASN A 43 6.59 -10.02 11.11
CA ASN A 43 5.77 -10.49 10.00
CA ASN A 43 5.79 -10.50 10.00
C ASN A 43 5.24 -11.89 10.31
N ASP A 44 4.16 -12.24 9.59
CA ASP A 44 3.57 -13.56 9.69
C ASP A 44 4.18 -14.45 8.61
N VAL A 45 3.66 -15.69 8.50
CA VAL A 45 4.29 -16.66 7.61
C VAL A 45 4.19 -16.26 6.14
N TYR A 46 3.28 -15.33 5.81
CA TYR A 46 3.16 -14.81 4.45
C TYR A 46 4.05 -13.61 4.20
N GLY A 47 4.79 -13.15 5.20
CA GLY A 47 5.58 -11.93 5.04
C GLY A 47 4.80 -10.66 5.28
N ILE A 48 3.58 -10.75 5.76
CA ILE A 48 2.73 -9.58 5.98
C ILE A 48 3.14 -8.96 7.31
N THR A 49 3.34 -7.66 7.31
CA THR A 49 3.78 -6.92 8.49
C THR A 49 2.65 -6.04 9.02
N PRO A 50 2.81 -5.52 10.24
CA PRO A 50 1.83 -4.55 10.75
C PRO A 50 1.61 -3.36 9.82
N LEU A 51 2.67 -2.86 9.18
CA LEU A 51 2.51 -1.74 8.25
C LEU A 51 1.68 -2.13 7.05
N HIS A 52 1.89 -3.33 6.49
CA HIS A 52 1.05 -3.81 5.40
C HIS A 52 -0.41 -3.78 5.79
N LEU A 53 -0.74 -4.36 6.95
CA LEU A 53 -2.12 -4.44 7.40
C LEU A 53 -2.70 -3.05 7.63
N ALA A 54 -1.97 -2.19 8.35
CA ALA A 54 -2.47 -0.85 8.63
C ALA A 54 -2.66 -0.06 7.35
N ALA A 55 -1.77 -0.25 6.37
CA ALA A 55 -1.87 0.49 5.11
C ALA A 55 -3.07 0.02 4.29
N TYR A 56 -3.30 -1.30 4.23
CA TYR A 56 -4.45 -1.82 3.51
C TYR A 56 -5.76 -1.40 4.16
N MET A 57 -5.82 -1.46 5.48
CA MET A 57 -7.07 -1.22 6.20
CA MET A 57 -7.06 -1.22 6.22
C MET A 57 -7.33 0.26 6.46
N GLY A 58 -6.34 1.13 6.27
CA GLY A 58 -6.56 2.55 6.43
C GLY A 58 -6.35 3.08 7.83
N HIS A 59 -5.49 2.44 8.62
CA HIS A 59 -5.23 2.87 9.99
C HIS A 59 -4.08 3.86 9.98
N LEU A 60 -4.41 5.13 9.73
CA LEU A 60 -3.39 6.15 9.53
C LEU A 60 -2.54 6.36 10.77
N GLU A 61 -3.17 6.49 11.93
CA GLU A 61 -2.41 6.72 13.15
C GLU A 61 -1.43 5.58 13.41
N ILE A 62 -1.85 4.34 13.14
CA ILE A 62 -0.94 3.21 13.32
C ILE A 62 0.21 3.29 12.33
N VAL A 63 -0.06 3.63 11.08
CA VAL A 63 1.01 3.85 10.10
C VAL A 63 2.01 4.86 10.66
N GLU A 64 1.52 5.97 11.17
CA GLU A 64 2.42 7.02 11.67
C GLU A 64 3.25 6.53 12.83
N VAL A 65 2.66 5.72 13.71
CA VAL A 65 3.43 5.17 14.84
C VAL A 65 4.55 4.26 14.33
N LEU A 66 4.23 3.38 13.39
CA LEU A 66 5.25 2.49 12.85
C LEU A 66 6.37 3.27 12.18
N LEU A 67 6.02 4.33 11.44
CA LEU A 67 7.03 5.16 10.81
C LEU A 67 7.93 5.80 11.87
N LYS A 68 7.35 6.28 12.96
CA LYS A 68 8.12 6.89 14.03
C LYS A 68 9.15 5.93 14.60
N TYR A 69 8.86 4.63 14.58
CA TYR A 69 9.76 3.61 15.08
C TYR A 69 10.66 3.03 13.99
N GLY A 70 10.76 3.68 12.84
CA GLY A 70 11.72 3.29 11.83
C GLY A 70 11.37 2.05 11.03
N VAL A 71 10.08 1.78 10.85
CA VAL A 71 9.65 0.60 10.12
C VAL A 71 10.27 0.62 8.71
N ASP A 72 10.44 -0.57 8.14
CA ASP A 72 10.89 -0.70 6.76
C ASP A 72 9.68 -0.44 5.87
N VAL A 73 9.62 0.76 5.29
CA VAL A 73 8.48 1.13 4.46
C VAL A 73 8.47 0.38 3.12
N ASN A 74 9.57 -0.27 2.77
CA ASN A 74 9.68 -0.97 1.49
C ASN A 74 9.52 -2.48 1.62
N ALA A 75 9.15 -2.97 2.80
CA ALA A 75 8.98 -4.40 3.01
C ALA A 75 7.91 -4.93 2.05
N SER A 76 8.17 -6.11 1.48
CA SER A 76 7.21 -6.76 0.61
CA SER A 76 7.24 -6.78 0.59
C SER A 76 6.85 -8.11 1.20
N ASP A 77 5.57 -8.49 1.06
CA ASP A 77 5.13 -9.80 1.49
C ASP A 77 5.51 -10.82 0.40
N GLN A 78 5.12 -12.07 0.59
CA GLN A 78 5.54 -13.08 -0.38
C GLN A 78 4.90 -12.87 -1.75
N PHE A 79 3.90 -12.01 -1.85
CA PHE A 79 3.22 -11.69 -3.09
C PHE A 79 3.77 -10.43 -3.75
N GLY A 80 4.80 -9.82 -3.16
CA GLY A 80 5.35 -8.60 -3.69
C GLY A 80 4.58 -7.36 -3.31
N ASN A 81 3.57 -7.46 -2.46
CA ASN A 81 2.83 -6.29 -2.04
C ASN A 81 3.68 -5.46 -1.09
N THR A 82 3.74 -4.16 -1.33
CA THR A 82 4.30 -3.22 -0.38
C THR A 82 3.17 -2.42 0.27
N PRO A 83 3.44 -1.76 1.39
CA PRO A 83 2.38 -0.95 2.01
C PRO A 83 1.82 0.10 1.06
N LEU A 84 2.67 0.66 0.19
CA LEU A 84 2.18 1.67 -0.75
C LEU A 84 1.19 1.05 -1.75
N HIS A 85 1.45 -0.18 -2.22
CA HIS A 85 0.47 -0.85 -3.08
C HIS A 85 -0.89 -0.91 -2.39
N LEU A 86 -0.88 -1.34 -1.12
CA LEU A 86 -2.13 -1.66 -0.43
C LEU A 86 -2.91 -0.39 -0.11
N ALA A 87 -2.22 0.68 0.27
CA ALA A 87 -2.88 1.95 0.52
C ALA A 87 -3.43 2.54 -0.77
N ALA A 88 -2.69 2.40 -1.87
CA ALA A 88 -3.19 2.89 -3.16
C ALA A 88 -4.39 2.08 -3.60
N ASP A 89 -4.36 0.77 -3.34
CA ASP A 89 -5.45 -0.13 -3.70
C ASP A 89 -6.73 0.26 -2.97
N ASP A 90 -6.69 0.34 -1.65
CA ASP A 90 -7.90 0.57 -0.88
C ASP A 90 -8.25 2.05 -0.70
N GLY A 91 -7.47 2.96 -1.31
CA GLY A 91 -7.89 4.34 -1.41
C GLY A 91 -7.60 5.22 -0.22
N HIS A 92 -6.50 4.98 0.49
CA HIS A 92 -6.18 5.71 1.71
C HIS A 92 -5.17 6.80 1.38
N LEU A 93 -5.69 7.97 1.00
CA LEU A 93 -4.87 9.04 0.46
C LEU A 93 -3.81 9.50 1.45
N GLU A 94 -4.23 9.80 2.69
CA GLU A 94 -3.28 10.32 3.67
C GLU A 94 -2.17 9.33 3.95
N ILE A 95 -2.48 8.02 3.92
CA ILE A 95 -1.44 7.01 4.11
C ILE A 95 -0.49 6.99 2.93
N VAL A 96 -1.03 7.06 1.71
CA VAL A 96 -0.17 7.17 0.54
C VAL A 96 0.78 8.35 0.69
N GLU A 97 0.24 9.49 1.13
CA GLU A 97 1.05 10.69 1.24
C GLU A 97 2.18 10.53 2.25
N VAL A 98 1.90 9.94 3.41
CA VAL A 98 2.92 9.84 4.45
CA VAL A 98 2.92 9.84 4.45
C VAL A 98 3.99 8.82 4.06
N LEU A 99 3.58 7.72 3.42
CA LEU A 99 4.54 6.73 2.96
C LEU A 99 5.50 7.33 1.94
N LEU A 100 4.97 8.06 0.96
CA LEU A 100 5.84 8.67 -0.05
C LEU A 100 6.78 9.69 0.59
N LYS A 101 6.28 10.50 1.53
CA LYS A 101 7.14 11.46 2.21
C LYS A 101 8.25 10.77 2.99
N HIS A 102 8.07 9.51 3.38
CA HIS A 102 9.08 8.74 4.09
C HIS A 102 9.92 7.86 3.15
N GLY A 103 9.85 8.10 1.84
CA GLY A 103 10.82 7.54 0.92
C GLY A 103 10.51 6.18 0.35
N THR A 104 9.25 5.72 0.41
CA THR A 104 8.91 4.44 -0.19
CA THR A 104 8.90 4.45 -0.19
C THR A 104 9.21 4.46 -1.68
N ASP A 105 9.56 3.29 -2.21
CA ASP A 105 9.80 3.13 -3.64
C ASP A 105 8.47 3.26 -4.38
N VAL A 106 8.28 4.37 -5.08
CA VAL A 106 7.00 4.66 -5.70
C VAL A 106 6.69 3.71 -6.86
N ASN A 107 7.71 3.03 -7.42
CA ASN A 107 7.52 2.17 -8.57
C ASN A 107 7.75 0.70 -8.26
N ALA A 108 7.63 0.30 -6.99
CA ALA A 108 7.71 -1.11 -6.65
C ALA A 108 6.63 -1.90 -7.38
N THR A 109 6.93 -3.15 -7.73
CA THR A 109 6.00 -3.99 -8.46
C THR A 109 5.66 -5.24 -7.66
N ASP A 110 4.38 -5.62 -7.69
CA ASP A 110 3.94 -6.87 -7.09
C ASP A 110 4.16 -8.01 -8.09
N THR A 111 3.71 -9.22 -7.73
CA THR A 111 3.99 -10.36 -8.60
C THR A 111 3.15 -10.40 -9.86
N TRP A 112 2.15 -9.51 -10.00
CA TRP A 112 1.45 -9.32 -11.25
C TRP A 112 2.04 -8.17 -12.07
N GLY A 113 3.13 -7.58 -11.59
CA GLY A 113 3.79 -6.49 -12.30
C GLY A 113 3.19 -5.13 -12.07
N SER A 114 2.20 -5.01 -11.18
CA SER A 114 1.54 -3.74 -10.94
C SER A 114 2.37 -2.87 -10.02
N THR A 115 2.54 -1.61 -10.41
CA THR A 115 3.00 -0.57 -9.49
C THR A 115 1.80 0.01 -8.75
N PRO A 116 2.05 0.79 -7.70
CA PRO A 116 0.93 1.47 -7.04
C PRO A 116 0.10 2.33 -7.99
N LEU A 117 0.75 2.93 -9.00
CA LEU A 117 -0.01 3.71 -9.98
C LEU A 117 -1.00 2.84 -10.74
N HIS A 118 -0.60 1.62 -11.12
CA HIS A 118 -1.55 0.72 -11.79
C HIS A 118 -2.75 0.46 -10.91
N LEU A 119 -2.52 0.21 -9.62
CA LEU A 119 -3.63 -0.13 -8.73
C LEU A 119 -4.56 1.05 -8.55
N ALA A 120 -4.02 2.25 -8.34
CA ALA A 120 -4.85 3.43 -8.22
C ALA A 120 -5.65 3.66 -9.50
N ALA A 121 -5.05 3.35 -10.64
CA ALA A 121 -5.75 3.50 -11.91
C ALA A 121 -6.89 2.49 -12.05
N HIS A 122 -6.65 1.23 -11.67
CA HIS A 122 -7.73 0.25 -11.64
C HIS A 122 -8.92 0.76 -10.83
N ARG A 123 -8.63 1.38 -9.68
CA ARG A 123 -9.68 1.81 -8.77
C ARG A 123 -10.28 3.16 -9.13
N GLY A 124 -9.61 3.95 -9.96
CA GLY A 124 -10.08 5.30 -10.22
C GLY A 124 -9.82 6.28 -9.10
N HIS A 125 -8.83 6.03 -8.25
CA HIS A 125 -8.49 6.92 -7.13
C HIS A 125 -7.71 8.10 -7.68
N LEU A 126 -8.46 9.14 -8.05
CA LEU A 126 -7.87 10.26 -8.78
CA LEU A 126 -7.88 10.27 -8.78
C LEU A 126 -6.81 10.98 -7.95
N GLU A 127 -7.13 11.33 -6.71
CA GLU A 127 -6.19 12.09 -5.90
C GLU A 127 -4.94 11.28 -5.58
N ILE A 128 -5.07 9.96 -5.43
CA ILE A 128 -3.91 9.12 -5.18
C ILE A 128 -3.02 9.06 -6.42
N VAL A 129 -3.62 8.98 -7.61
CA VAL A 129 -2.85 9.03 -8.84
C VAL A 129 -2.01 10.29 -8.89
N GLU A 130 -2.63 11.44 -8.58
CA GLU A 130 -1.91 12.70 -8.66
CA GLU A 130 -1.92 12.71 -8.66
C GLU A 130 -0.73 12.76 -7.71
N VAL A 131 -0.87 12.21 -6.50
CA VAL A 131 0.23 12.24 -5.55
CA VAL A 131 0.24 12.25 -5.54
C VAL A 131 1.34 11.28 -5.98
N LEU A 132 0.97 10.11 -6.50
CA LEU A 132 1.98 9.18 -7.00
C LEU A 132 2.79 9.80 -8.13
N LEU A 133 2.11 10.48 -9.06
CA LEU A 133 2.81 11.17 -10.14
C LEU A 133 3.75 12.24 -9.58
N LYS A 134 3.29 12.99 -8.58
CA LYS A 134 4.11 14.04 -7.99
C LYS A 134 5.40 13.47 -7.41
N TYR A 135 5.37 12.23 -6.92
CA TYR A 135 6.54 11.60 -6.33
C TYR A 135 7.29 10.72 -7.32
N GLY A 136 7.00 10.86 -8.62
CA GLY A 136 7.80 10.20 -9.63
C GLY A 136 7.28 8.87 -10.13
N ALA A 137 5.99 8.58 -9.94
CA ALA A 137 5.43 7.36 -10.49
C ALA A 137 5.66 7.30 -12.00
N ASP A 138 6.02 6.11 -12.49
CA ASP A 138 6.39 5.92 -13.89
C ASP A 138 5.14 5.64 -14.72
N VAL A 139 4.72 6.62 -15.53
CA VAL A 139 3.54 6.45 -16.36
C VAL A 139 3.73 5.42 -17.47
N ASN A 140 4.97 5.01 -17.75
CA ASN A 140 5.25 4.08 -18.82
C ASN A 140 5.45 2.65 -18.33
N ALA A 141 5.40 2.43 -17.02
CA ALA A 141 5.54 1.08 -16.48
C ALA A 141 4.40 0.21 -16.96
N GLN A 142 4.73 -0.98 -17.45
CA GLN A 142 3.76 -1.95 -17.90
C GLN A 142 3.67 -3.10 -16.90
N ASP A 143 2.46 -3.56 -16.63
CA ASP A 143 2.27 -4.72 -15.77
C ASP A 143 2.54 -6.00 -16.58
N LYS A 144 2.33 -7.16 -15.98
CA LYS A 144 2.65 -8.42 -16.67
C LYS A 144 1.78 -8.64 -17.91
N PHE A 145 0.74 -7.83 -18.10
CA PHE A 145 -0.11 -7.92 -19.27
C PHE A 145 0.12 -6.76 -20.24
N GLY A 146 1.22 -6.01 -20.08
CA GLY A 146 1.59 -4.96 -20.99
C GLY A 146 0.88 -3.64 -20.80
N LYS A 147 0.07 -3.50 -19.76
CA LYS A 147 -0.80 -2.35 -19.60
C LYS A 147 -0.13 -1.27 -18.76
N THR A 148 -0.21 -0.02 -19.23
CA THR A 148 0.14 1.12 -18.40
C THR A 148 -1.09 1.58 -17.62
N ALA A 149 -0.86 2.48 -16.67
CA ALA A 149 -1.96 3.11 -15.96
C ALA A 149 -2.93 3.76 -16.94
N PHE A 150 -2.41 4.37 -18.01
CA PHE A 150 -3.30 4.97 -19.00
C PHE A 150 -4.14 3.90 -19.69
N ASP A 151 -3.52 2.79 -20.09
CA ASP A 151 -4.28 1.71 -20.72
C ASP A 151 -5.42 1.26 -19.82
N ILE A 152 -5.13 1.10 -18.54
CA ILE A 152 -6.14 0.69 -17.56
C ILE A 152 -7.28 1.69 -17.52
N SER A 153 -6.94 2.99 -17.48
CA SER A 153 -7.97 4.02 -17.40
CA SER A 153 -7.96 4.01 -17.40
C SER A 153 -8.88 3.97 -18.62
N ILE A 154 -8.30 3.75 -19.80
CA ILE A 154 -9.10 3.67 -21.02
C ILE A 154 -9.99 2.44 -20.99
N ASP A 155 -9.43 1.29 -20.59
CA ASP A 155 -10.21 0.05 -20.56
C ASP A 155 -11.40 0.18 -19.61
N ASN A 156 -11.19 0.82 -18.46
CA ASN A 156 -12.25 1.01 -17.47
CA ASN A 156 -12.26 1.00 -17.48
C ASN A 156 -13.17 2.18 -17.79
N GLY A 157 -12.90 2.93 -18.87
CA GLY A 157 -13.75 4.05 -19.21
C GLY A 157 -13.70 5.22 -18.25
N ASN A 158 -12.61 5.38 -17.51
CA ASN A 158 -12.49 6.48 -16.56
C ASN A 158 -11.99 7.71 -17.30
N GLU A 159 -12.93 8.55 -17.73
CA GLU A 159 -12.57 9.71 -18.53
C GLU A 159 -11.81 10.73 -17.70
N ASP A 160 -12.16 10.89 -16.42
CA ASP A 160 -11.41 11.79 -15.55
CA ASP A 160 -11.42 11.78 -15.56
C ASP A 160 -9.96 11.36 -15.47
N LEU A 161 -9.72 10.09 -15.19
CA LEU A 161 -8.34 9.62 -15.01
C LEU A 161 -7.58 9.64 -16.33
N ALA A 162 -8.22 9.22 -17.42
CA ALA A 162 -7.58 9.28 -18.72
C ALA A 162 -7.20 10.71 -19.09
N GLU A 163 -8.01 11.68 -18.65
CA GLU A 163 -7.69 13.08 -18.94
C GLU A 163 -6.31 13.46 -18.41
N ILE A 164 -5.94 12.92 -17.24
CA ILE A 164 -4.66 13.28 -16.63
C ILE A 164 -3.52 12.51 -17.27
N LEU A 165 -3.68 11.19 -17.39
CA LEU A 165 -2.59 10.36 -17.90
C LEU A 165 -2.34 10.59 -19.38
N GLN A 166 -3.38 11.01 -20.12
CA GLN A 166 -3.21 11.35 -21.52
C GLN A 166 -2.13 12.41 -21.69
N LYS A 167 -2.19 13.48 -20.88
CA LYS A 167 -1.24 14.57 -21.00
C LYS A 167 0.20 14.13 -20.83
N LEU A 168 0.44 13.01 -20.16
CA LEU A 168 1.78 12.57 -19.83
C LEU A 168 2.32 11.51 -20.78
N ASN A 169 1.58 11.15 -21.83
CA ASN A 169 2.07 10.21 -22.82
C ASN A 169 3.01 10.91 -23.78
N LYS B 1 -19.34 -8.28 -3.49
CA LYS B 1 -18.14 -8.42 -2.67
C LYS B 1 -16.98 -7.64 -3.27
N ARG B 2 -15.87 -7.57 -2.54
CA ARG B 2 -14.70 -6.85 -3.03
C ARG B 2 -14.13 -7.55 -4.27
N ILE B 3 -13.61 -6.74 -5.18
CA ILE B 3 -12.93 -7.22 -6.37
C ILE B 3 -11.44 -6.98 -6.15
N HIS B 4 -10.67 -8.06 -6.06
CA HIS B 4 -9.25 -7.95 -5.79
C HIS B 4 -8.49 -7.64 -7.08
N ILE B 5 -7.54 -6.72 -6.99
CA ILE B 5 -6.75 -6.29 -8.12
C ILE B 5 -5.27 -6.57 -7.93
N GLY B 6 -4.91 -7.26 -6.84
CA GLY B 6 -3.55 -7.69 -6.61
C GLY B 6 -3.52 -9.04 -5.92
N PRO B 7 -2.33 -9.63 -5.81
CA PRO B 7 -2.21 -10.98 -5.26
C PRO B 7 -2.31 -11.03 -3.74
N GLY B 8 -2.76 -12.19 -3.25
CA GLY B 8 -2.70 -12.50 -1.84
C GLY B 8 -3.68 -11.76 -0.96
N ARG B 9 -4.70 -11.11 -1.53
CA ARG B 9 -5.58 -10.28 -0.71
C ARG B 9 -6.37 -11.12 0.29
N ALA B 10 -6.62 -12.40 -0.01
CA ALA B 10 -7.35 -13.25 0.92
C ALA B 10 -6.67 -13.30 2.28
N PHE B 11 -5.34 -13.19 2.31
CA PHE B 11 -4.60 -13.34 3.54
C PHE B 11 -4.57 -12.06 4.36
N TYR B 12 -5.19 -11.00 3.87
CA TYR B 12 -5.35 -9.76 4.60
C TYR B 12 -6.66 -9.68 5.38
N THR B 13 -7.58 -10.62 5.18
CA THR B 13 -8.89 -10.58 5.86
C THR B 13 -9.20 -11.86 6.63
N THR B 14 -8.17 -12.52 7.16
CA THR B 14 -8.38 -13.68 8.03
C THR B 14 -8.29 -13.26 9.49
#